data_3A32
#
_entry.id   3A32
#
_cell.length_a   81.486
_cell.length_b   103.710
_cell.length_c   112.537
_cell.angle_alpha   90.00
_cell.angle_beta   90.00
_cell.angle_gamma   90.00
#
_symmetry.space_group_name_H-M   'C 2 2 21'
#
loop_
_entity.id
_entity.type
_entity.pdbx_description
1 polymer 'Probable threonyl-tRNA synthetase 1'
2 non-polymer 'SULFATE ION'
3 non-polymer 'ZINC ION'
4 water water
#
_entity_poly.entity_id   1
_entity_poly.type   'polypeptide(L)'
_entity_poly.pdbx_seq_one_letter_code
;MASGQDKTHIDYAYELDITVKPDSRVPVFNREFATFTGAGVPLFSLGGGPIRYALAEVLAKFHARRGYYVVETPIIASTE
LFKVSGHIEFYRNNMYLFDIEGHEFAVKPMNCPYHILLFLNEVAKHRSKLPLPFKVFEFGRVHRYEPSGSIYGLLRVRGF
TQDDAHIIVPGGRVIDVVYDVFEEMKLVLERLFKLGVSSETFKVRLSMSDKSLIGKEFMGSKEEWEGAEEALREAASRIN
EKYGIDIVELEGEAAFYGPKLDFIMMVEESGVSKEWQMGTIQFDFNLPRRFRLYDVVREEFGIEEVYIIHRALLGSIERF
LGVYLEHRRGRMPFTLAPIQFAVIAVKTGGEVDREIEDLASSIAKGLLDKGFRVAVKGSSKTGLSSDVRHIESTAKPAVN
VFIGAKEVREKVLDVRVFDLESMKRRRLAIAYGDAADAVENLAAVAEELESPVRSLSGQAPRIPADFSFML
;
_entity_poly.pdbx_strand_id   A
#
loop_
_chem_comp.id
_chem_comp.type
_chem_comp.name
_chem_comp.formula
SO4 non-polymer 'SULFATE ION' 'O4 S -2'
ZN non-polymer 'ZINC ION' 'Zn 2'
#
# COMPACT_ATOMS: atom_id res chain seq x y z
N LYS A 7 16.10 6.79 14.35
CA LYS A 7 14.82 7.21 13.61
C LYS A 7 14.02 6.00 13.13
N THR A 8 12.83 5.87 13.66
CA THR A 8 11.86 4.87 13.21
C THR A 8 10.80 5.52 12.29
N HIS A 9 9.96 4.69 11.65
CA HIS A 9 8.80 5.15 10.90
C HIS A 9 7.90 6.07 11.75
N ILE A 10 7.89 5.92 13.05
CA ILE A 10 7.10 6.86 13.94
C ILE A 10 7.64 8.29 13.81
N ASP A 11 8.96 8.41 13.67
CA ASP A 11 9.66 9.68 13.47
C ASP A 11 9.45 10.23 12.06
N TYR A 12 9.72 9.40 11.06
CA TYR A 12 9.45 9.78 9.67
C TYR A 12 8.00 10.12 9.43
N ALA A 13 7.06 9.29 9.91
CA ALA A 13 5.64 9.56 9.65
C ALA A 13 5.25 10.94 10.20
N TYR A 14 5.80 11.31 11.36
CA TYR A 14 5.51 12.57 12.04
C TYR A 14 6.18 13.73 11.31
N GLU A 15 7.46 13.55 10.96
CA GLU A 15 8.22 14.59 10.25
C GLU A 15 7.68 14.90 8.84
N LEU A 16 7.20 13.87 8.14
CA LEU A 16 6.61 14.04 6.82
C LEU A 16 5.14 14.48 6.94
N ASP A 17 4.67 14.56 8.19
CA ASP A 17 3.24 14.83 8.51
C ASP A 17 2.30 13.78 7.86
N ILE A 18 2.75 12.54 7.76
CA ILE A 18 1.88 11.44 7.34
C ILE A 18 0.92 11.13 8.49
N THR A 19 1.43 11.17 9.73
CA THR A 19 0.57 10.95 10.92
C THR A 19 0.76 11.98 12.00
N VAL A 20 -0.22 12.03 12.89
CA VAL A 20 -0.10 12.68 14.17
C VAL A 20 0.58 11.73 15.17
N LYS A 21 1.57 12.22 15.90
CA LYS A 21 2.26 11.43 16.91
C LYS A 21 1.35 11.26 18.15
N PRO A 22 1.12 10.02 18.59
CA PRO A 22 0.20 9.79 19.73
C PRO A 22 0.59 10.54 20.99
N ASP A 23 1.88 10.69 21.20
CA ASP A 23 2.39 11.33 22.39
C ASP A 23 2.77 12.79 22.21
N SER A 24 2.48 13.39 21.05
CA SER A 24 2.51 14.86 20.89
C SER A 24 1.41 15.44 21.80
N ARG A 25 1.70 16.61 22.36
CA ARG A 25 0.74 17.30 23.23
C ARG A 25 -0.22 18.20 22.45
N VAL A 26 -1.51 18.07 22.74
CA VAL A 26 -2.52 18.96 22.15
C VAL A 26 -2.36 20.39 22.69
N PRO A 27 -2.17 21.40 21.81
CA PRO A 27 -2.14 22.82 22.28
C PRO A 27 -3.23 23.17 23.31
N VAL A 28 -2.87 23.91 24.36
CA VAL A 28 -3.83 24.35 25.43
C VAL A 28 -4.33 23.19 26.33
N PHE A 29 -4.83 22.09 25.79
CA PHE A 29 -5.12 20.95 26.68
C PHE A 29 -3.90 20.33 27.38
N ASN A 30 -2.72 20.57 26.81
CA ASN A 30 -1.49 19.85 27.20
C ASN A 30 -1.79 18.38 27.70
N ARG A 31 -2.55 17.66 26.89
CA ARG A 31 -2.69 16.22 27.00
C ARG A 31 -2.17 15.69 25.66
N GLU A 32 -1.87 14.39 25.62
CA GLU A 32 -1.37 13.72 24.43
C GLU A 32 -2.48 13.44 23.45
N PHE A 33 -2.21 13.55 22.16
CA PHE A 33 -3.24 13.24 21.17
C PHE A 33 -3.89 11.90 21.49
N ALA A 34 -3.10 10.94 21.99
CA ALA A 34 -3.62 9.55 22.26
C ALA A 34 -4.67 9.47 23.34
N THR A 35 -4.75 10.47 24.20
CA THR A 35 -5.80 10.44 25.20
C THR A 35 -7.15 10.99 24.71
N PHE A 36 -7.24 11.27 23.39
CA PHE A 36 -8.50 11.62 22.75
C PHE A 36 -8.83 10.52 21.76
N THR A 37 -7.81 10.03 21.09
CA THR A 37 -8.01 9.04 20.05
C THR A 37 -8.05 7.56 20.54
N GLY A 38 -7.39 7.27 21.67
CA GLY A 38 -7.11 5.88 22.01
C GLY A 38 -5.81 5.39 21.37
N ALA A 39 -5.15 4.45 22.05
CA ALA A 39 -3.92 3.84 21.61
C ALA A 39 -4.17 2.96 20.38
N GLY A 40 -3.18 2.90 19.51
CA GLY A 40 -3.23 2.03 18.34
C GLY A 40 -4.30 2.42 17.32
N VAL A 41 -4.70 3.69 17.26
CA VAL A 41 -5.60 4.21 16.23
C VAL A 41 -4.87 5.30 15.42
N PRO A 42 -4.16 4.91 14.37
CA PRO A 42 -3.33 5.88 13.63
C PRO A 42 -4.15 7.04 13.08
N LEU A 43 -3.72 8.24 13.38
CA LEU A 43 -4.45 9.40 12.87
C LEU A 43 -3.63 9.99 11.75
N PHE A 44 -4.06 9.77 10.53
CA PHE A 44 -3.39 10.34 9.37
C PHE A 44 -3.63 11.82 9.28
N SER A 45 -2.57 12.56 8.98
CA SER A 45 -2.62 14.00 9.05
C SER A 45 -2.71 14.62 7.61
N LEU A 46 -2.28 15.87 7.45
CA LEU A 46 -2.45 16.57 6.16
C LEU A 46 -1.56 15.98 5.08
N GLY A 47 -0.28 15.70 5.40
CA GLY A 47 0.62 15.04 4.47
C GLY A 47 0.18 13.63 4.15
N GLY A 48 -0.41 12.95 5.12
CA GLY A 48 -0.88 11.54 4.90
C GLY A 48 -2.16 11.40 4.08
N GLY A 49 -3.01 12.45 4.05
CA GLY A 49 -4.35 12.36 3.39
C GLY A 49 -4.24 12.06 1.91
N PRO A 50 -3.43 12.85 1.17
CA PRO A 50 -3.28 12.59 -0.26
C PRO A 50 -2.63 11.26 -0.57
N ILE A 51 -1.72 10.80 0.30
CA ILE A 51 -1.16 9.46 0.18
C ILE A 51 -2.28 8.39 0.25
N ARG A 52 -3.20 8.52 1.20
CA ARG A 52 -4.29 7.55 1.33
C ARG A 52 -5.25 7.54 0.15
N TYR A 53 -5.65 8.71 -0.36
CA TYR A 53 -6.50 8.74 -1.54
C TYR A 53 -5.76 8.22 -2.77
N ALA A 54 -4.47 8.57 -2.92
CA ALA A 54 -3.67 8.16 -4.09
C ALA A 54 -3.53 6.64 -4.13
N LEU A 55 -3.29 6.07 -2.96
CA LEU A 55 -3.13 4.65 -2.75
C LEU A 55 -4.41 3.87 -3.13
N ALA A 56 -5.55 4.29 -2.59
CA ALA A 56 -6.82 3.64 -2.91
C ALA A 56 -7.08 3.60 -4.40
N GLU A 57 -6.79 4.74 -5.05
CA GLU A 57 -7.10 5.01 -6.45
C GLU A 57 -6.19 4.21 -7.38
N VAL A 58 -4.88 4.27 -7.12
CA VAL A 58 -3.88 3.47 -7.86
C VAL A 58 -4.10 1.96 -7.69
N LEU A 59 -4.29 1.49 -6.46
CA LEU A 59 -4.50 0.06 -6.23
C LEU A 59 -5.82 -0.42 -6.78
N ALA A 60 -6.90 0.37 -6.62
CA ALA A 60 -8.19 0.06 -7.21
C ALA A 60 -8.12 -0.06 -8.74
N LYS A 61 -7.58 0.96 -9.40
CA LYS A 61 -7.42 0.95 -10.85
C LYS A 61 -6.49 -0.13 -11.37
N PHE A 62 -5.36 -0.35 -10.67
CA PHE A 62 -4.45 -1.48 -10.98
C PHE A 62 -5.20 -2.82 -10.98
N HIS A 63 -6.01 -3.05 -9.94
CA HIS A 63 -6.79 -4.25 -9.87
C HIS A 63 -7.89 -4.35 -10.88
N ALA A 64 -8.59 -3.26 -11.12
CA ALA A 64 -9.60 -3.27 -12.19
C ALA A 64 -9.02 -3.63 -13.61
N ARG A 65 -7.82 -3.15 -13.92
CA ARG A 65 -7.13 -3.44 -15.19
C ARG A 65 -6.61 -4.88 -15.34
N ARG A 66 -6.36 -5.54 -14.21
CA ARG A 66 -5.97 -6.92 -14.10
C ARG A 66 -7.17 -7.87 -13.97
N GLY A 67 -8.40 -7.37 -14.02
CA GLY A 67 -9.57 -8.23 -14.08
C GLY A 67 -10.32 -8.44 -12.77
N TYR A 68 -10.02 -7.64 -11.75
CA TYR A 68 -10.72 -7.72 -10.49
C TYR A 68 -11.85 -6.74 -10.54
N TYR A 69 -12.96 -7.13 -9.97
CA TYR A 69 -14.02 -6.19 -9.71
C TYR A 69 -13.66 -5.44 -8.45
N VAL A 70 -13.72 -4.11 -8.50
CA VAL A 70 -13.48 -3.34 -7.28
C VAL A 70 -14.75 -3.09 -6.52
N VAL A 71 -14.65 -3.26 -5.21
CA VAL A 71 -15.79 -3.12 -4.36
C VAL A 71 -15.45 -2.39 -3.09
N GLU A 72 -16.49 -1.96 -2.42
CA GLU A 72 -16.37 -1.39 -1.08
C GLU A 72 -17.51 -2.04 -0.28
N THR A 73 -17.16 -2.65 0.87
CA THR A 73 -18.17 -3.38 1.65
C THR A 73 -18.35 -2.69 3.01
N PRO A 74 -19.49 -2.91 3.69
CA PRO A 74 -19.72 -2.18 4.92
C PRO A 74 -18.70 -2.35 6.01
N ILE A 75 -18.63 -1.34 6.86
CA ILE A 75 -17.75 -1.38 7.99
C ILE A 75 -18.27 -2.17 9.19
N ILE A 76 -19.60 -2.28 9.31
CA ILE A 76 -20.21 -3.06 10.39
C ILE A 76 -21.02 -4.21 9.81
N ALA A 77 -21.35 -5.17 10.64
CA ALA A 77 -22.16 -6.30 10.19
C ALA A 77 -22.79 -6.96 11.40
N SER A 78 -23.95 -7.56 11.20
CA SER A 78 -24.49 -8.47 12.21
C SER A 78 -23.46 -9.53 12.42
N THR A 79 -23.33 -10.01 13.66
CA THR A 79 -22.45 -11.14 13.89
C THR A 79 -22.93 -12.44 13.26
N GLU A 80 -24.16 -12.48 12.77
CA GLU A 80 -24.59 -13.64 11.95
C GLU A 80 -23.61 -13.83 10.78
N LEU A 81 -23.09 -12.74 10.27
CA LEU A 81 -22.22 -12.85 9.12
C LEU A 81 -20.97 -13.65 9.50
N PHE A 82 -20.46 -13.40 10.71
CA PHE A 82 -19.22 -13.99 11.20
C PHE A 82 -19.48 -15.33 11.92
N LYS A 83 -20.71 -15.56 12.36
CA LYS A 83 -21.14 -16.90 12.81
C LYS A 83 -21.10 -17.91 11.65
N VAL A 84 -21.62 -17.53 10.46
CA VAL A 84 -21.60 -18.42 9.28
C VAL A 84 -20.19 -18.71 8.82
N SER A 85 -19.31 -17.72 8.90
CA SER A 85 -17.96 -17.89 8.36
C SER A 85 -16.97 -18.91 9.01
N GLY A 86 -17.16 -19.39 10.23
CA GLY A 86 -17.47 -18.61 11.38
C GLY A 86 -16.36 -18.81 12.44
N HIS A 87 -16.30 -20.05 12.98
CA HIS A 87 -15.82 -20.45 14.36
C HIS A 87 -16.50 -19.75 15.57
N ILE A 88 -16.28 -18.42 15.61
CA ILE A 88 -16.99 -17.34 16.34
C ILE A 88 -16.72 -17.31 17.79
N GLU A 89 -16.99 -18.44 18.47
CA GLU A 89 -16.45 -18.77 19.81
C GLU A 89 -14.93 -18.39 19.91
N PHE A 90 -14.11 -18.68 18.87
CA PHE A 90 -12.72 -18.20 18.93
C PHE A 90 -12.50 -16.75 18.56
N TYR A 91 -12.92 -16.38 17.33
CA TYR A 91 -12.49 -15.12 16.72
C TYR A 91 -13.22 -13.97 17.36
N ARG A 92 -14.37 -14.26 17.95
CA ARG A 92 -15.16 -13.33 18.73
C ARG A 92 -14.25 -12.49 19.58
N ASN A 93 -13.16 -13.10 20.02
CA ASN A 93 -12.28 -12.49 21.01
C ASN A 93 -11.39 -11.35 20.49
N ASN A 94 -11.11 -11.38 19.18
CA ASN A 94 -10.43 -10.32 18.44
C ASN A 94 -11.40 -9.32 17.82
N MET A 95 -12.68 -9.41 18.16
CA MET A 95 -13.65 -8.54 17.49
C MET A 95 -14.19 -7.45 18.41
N TYR A 96 -14.45 -6.26 17.85
CA TYR A 96 -15.14 -5.22 18.59
C TYR A 96 -16.66 -5.39 18.40
N LEU A 97 -17.36 -5.69 19.49
CA LEU A 97 -18.78 -6.08 19.41
C LEU A 97 -19.66 -5.03 20.05
N PHE A 98 -20.85 -4.85 19.51
CA PHE A 98 -21.78 -3.89 20.07
C PHE A 98 -23.22 -4.32 19.75
N ASP A 99 -24.15 -3.70 20.45
CA ASP A 99 -25.53 -4.01 20.40
C ASP A 99 -26.33 -2.97 19.60
N ILE A 100 -27.27 -3.43 18.76
CA ILE A 100 -28.40 -2.65 18.20
C ILE A 100 -29.50 -3.73 18.32
N GLU A 101 -30.30 -3.79 19.36
CA GLU A 101 -31.50 -3.07 19.68
C GLU A 101 -31.81 -4.48 20.17
N GLY A 102 -30.95 -5.01 21.04
CA GLY A 102 -30.92 -6.46 21.33
C GLY A 102 -30.07 -7.34 20.41
N HIS A 103 -29.66 -6.82 19.26
CA HIS A 103 -28.95 -7.63 18.25
C HIS A 103 -27.46 -7.30 18.17
N GLU A 104 -26.65 -8.34 18.16
CA GLU A 104 -25.19 -8.23 18.20
C GLU A 104 -24.58 -7.90 16.82
N PHE A 105 -23.73 -6.88 16.79
CA PHE A 105 -23.03 -6.39 15.60
C PHE A 105 -21.59 -6.33 15.93
N ALA A 106 -20.76 -6.31 14.90
CA ALA A 106 -19.33 -6.21 15.01
C ALA A 106 -18.82 -5.15 14.03
N VAL A 107 -17.74 -4.48 14.41
CA VAL A 107 -16.92 -3.75 13.48
C VAL A 107 -16.16 -4.84 12.72
N LYS A 108 -16.24 -4.77 11.40
CA LYS A 108 -15.67 -5.74 10.48
C LYS A 108 -14.18 -5.95 10.79
N PRO A 109 -13.79 -7.22 11.09
CA PRO A 109 -12.35 -7.54 11.19
C PRO A 109 -11.75 -8.09 9.89
N MET A 110 -12.60 -8.53 8.96
CA MET A 110 -12.14 -9.05 7.68
C MET A 110 -13.19 -8.81 6.64
N ASN A 111 -12.78 -8.70 5.36
CA ASN A 111 -13.74 -8.40 4.24
C ASN A 111 -14.32 -9.64 3.60
N CYS A 112 -13.67 -10.78 3.83
CA CYS A 112 -14.03 -12.08 3.20
C CYS A 112 -15.51 -12.46 3.09
N PRO A 113 -16.25 -12.52 4.22
CA PRO A 113 -17.68 -12.87 4.18
C PRO A 113 -18.51 -11.89 3.34
N TYR A 114 -18.18 -10.60 3.40
CA TYR A 114 -18.87 -9.62 2.53
C TYR A 114 -18.58 -9.91 1.05
N HIS A 115 -17.33 -10.17 0.70
CA HIS A 115 -16.94 -10.46 -0.71
C HIS A 115 -17.61 -11.72 -1.22
N ILE A 116 -17.80 -12.71 -0.33
CA ILE A 116 -18.56 -13.94 -0.67
C ILE A 116 -20.05 -13.70 -0.84
N LEU A 117 -20.66 -12.85 0.00
CA LEU A 117 -22.05 -12.47 -0.22
C LEU A 117 -22.23 -11.81 -1.61
N LEU A 118 -21.27 -10.98 -2.02
CA LEU A 118 -21.32 -10.31 -3.32
C LEU A 118 -21.21 -11.30 -4.46
N PHE A 119 -20.31 -12.26 -4.36
CA PHE A 119 -20.34 -13.43 -5.23
C PHE A 119 -21.74 -14.11 -5.24
N LEU A 120 -22.26 -14.43 -4.06
CA LEU A 120 -23.54 -15.10 -3.96
C LEU A 120 -24.65 -14.30 -4.59
N ASN A 121 -24.66 -13.00 -4.41
CA ASN A 121 -25.71 -12.17 -5.01
C ASN A 121 -25.67 -12.21 -6.57
N GLU A 122 -24.47 -12.19 -7.14
CA GLU A 122 -24.28 -12.20 -8.59
C GLU A 122 -24.66 -13.55 -9.19
N VAL A 123 -24.40 -14.62 -8.44
CA VAL A 123 -24.82 -15.93 -8.89
C VAL A 123 -26.35 -16.00 -8.89
N ALA A 124 -26.99 -15.50 -7.85
CA ALA A 124 -28.46 -15.54 -7.81
C ALA A 124 -29.09 -14.79 -9.01
N LYS A 125 -28.56 -13.61 -9.34
CA LYS A 125 -29.02 -12.77 -10.43
C LYS A 125 -28.67 -13.29 -11.84
N HIS A 126 -27.42 -13.75 -12.04
CA HIS A 126 -26.89 -14.08 -13.37
C HIS A 126 -26.46 -15.52 -13.57
N ARG A 127 -26.37 -16.29 -12.48
CA ARG A 127 -26.05 -17.72 -12.57
C ARG A 127 -24.72 -17.87 -13.29
N SER A 128 -24.62 -18.85 -14.18
CA SER A 128 -23.37 -19.18 -14.88
C SER A 128 -22.90 -18.18 -15.93
N LYS A 129 -23.69 -17.13 -16.23
CA LYS A 129 -23.13 -16.01 -17.04
C LYS A 129 -21.97 -15.30 -16.34
N LEU A 130 -21.95 -15.38 -15.00
CA LEU A 130 -20.83 -14.83 -14.21
C LEU A 130 -19.59 -15.63 -14.57
N PRO A 131 -18.53 -14.97 -15.08
CA PRO A 131 -17.34 -15.71 -15.44
C PRO A 131 -16.49 -16.17 -14.23
N LEU A 132 -15.82 -17.30 -14.39
CA LEU A 132 -14.81 -17.74 -13.45
C LEU A 132 -13.48 -17.78 -14.20
N PRO A 133 -12.36 -17.48 -13.52
CA PRO A 133 -12.33 -17.12 -12.09
C PRO A 133 -13.06 -15.78 -11.76
N PHE A 134 -13.62 -15.71 -10.56
CA PHE A 134 -14.28 -14.51 -10.07
C PHE A 134 -13.30 -13.87 -9.10
N LYS A 135 -12.91 -12.63 -9.40
CA LYS A 135 -11.89 -11.92 -8.65
C LYS A 135 -12.46 -10.63 -8.22
N VAL A 136 -12.39 -10.38 -6.90
CA VAL A 136 -12.95 -9.18 -6.27
C VAL A 136 -11.85 -8.50 -5.38
N PHE A 137 -11.62 -7.21 -5.59
CA PHE A 137 -10.60 -6.42 -4.88
C PHE A 137 -11.25 -5.33 -4.00
N GLU A 138 -10.70 -5.09 -2.81
CA GLU A 138 -11.19 -3.99 -1.96
C GLU A 138 -10.03 -3.37 -1.19
N PHE A 139 -9.93 -2.03 -1.24
CA PHE A 139 -9.08 -1.22 -0.35
C PHE A 139 -9.87 -1.20 0.96
N GLY A 140 -9.63 -2.19 1.83
CA GLY A 140 -10.63 -2.47 2.88
C GLY A 140 -10.19 -2.02 4.25
N ARG A 141 -11.13 -1.63 5.09
CA ARG A 141 -10.82 -1.08 6.45
C ARG A 141 -11.32 -2.02 7.53
N VAL A 142 -10.39 -2.57 8.31
CA VAL A 142 -10.65 -3.65 9.24
C VAL A 142 -10.21 -3.27 10.64
N HIS A 143 -10.91 -3.78 11.64
CA HIS A 143 -10.62 -3.41 13.01
C HIS A 143 -10.58 -4.69 13.85
N ARG A 144 -9.59 -4.77 14.71
CA ARG A 144 -9.32 -5.98 15.47
C ARG A 144 -8.86 -5.59 16.86
N TYR A 145 -9.23 -6.40 17.85
CA TYR A 145 -8.74 -6.16 19.22
C TYR A 145 -7.25 -6.32 19.25
N GLU A 146 -6.52 -5.32 19.73
CA GLU A 146 -5.15 -5.57 20.21
C GLU A 146 -5.00 -5.04 21.62
N PRO A 147 -4.32 -5.81 22.51
CA PRO A 147 -3.98 -5.32 23.86
C PRO A 147 -2.99 -4.16 23.73
N SER A 148 -3.01 -3.24 24.69
CA SER A 148 -2.11 -2.06 24.72
C SER A 148 -0.63 -2.40 24.54
N GLY A 149 -0.20 -3.49 25.16
CA GLY A 149 1.20 -3.90 25.15
C GLY A 149 1.63 -4.45 23.81
N SER A 150 0.67 -4.70 22.92
CA SER A 150 0.96 -5.26 21.58
C SER A 150 1.07 -4.20 20.46
N ILE A 151 0.48 -3.03 20.71
CA ILE A 151 0.51 -1.93 19.78
C ILE A 151 1.92 -1.35 19.57
N TYR A 152 2.28 -1.19 18.30
CA TYR A 152 3.56 -0.59 17.91
C TYR A 152 3.41 0.22 16.63
N GLY A 153 3.59 1.53 16.75
CA GLY A 153 3.57 2.40 15.60
C GLY A 153 2.46 2.12 14.58
N LEU A 154 2.85 1.91 13.32
CA LEU A 154 1.93 1.58 12.24
C LEU A 154 1.92 0.08 11.99
N LEU A 155 2.76 -0.64 12.73
CA LEU A 155 3.00 -2.08 12.43
C LEU A 155 1.92 -2.98 12.99
N ARG A 156 1.47 -2.67 14.20
CA ARG A 156 0.45 -3.43 14.91
C ARG A 156 -0.53 -2.43 15.55
N VAL A 157 -1.74 -2.35 14.99
CA VAL A 157 -2.69 -1.32 15.31
C VAL A 157 -4.10 -1.95 15.38
N ARG A 158 -5.06 -1.16 15.91
CA ARG A 158 -6.45 -1.59 16.06
C ARG A 158 -7.34 -1.38 14.83
N GLY A 159 -6.97 -0.47 13.94
CA GLY A 159 -7.71 -0.26 12.68
C GLY A 159 -6.72 -0.03 11.58
N PHE A 160 -6.87 -0.75 10.47
CA PHE A 160 -5.92 -0.65 9.38
C PHE A 160 -6.56 -0.99 8.04
N THR A 161 -5.75 -0.89 6.98
CA THR A 161 -6.22 -1.07 5.62
C THR A 161 -5.44 -2.22 4.98
N GLN A 162 -6.12 -3.04 4.17
CA GLN A 162 -5.52 -4.17 3.42
C GLN A 162 -5.84 -3.92 1.94
N ASP A 163 -4.91 -4.26 1.05
CA ASP A 163 -5.21 -4.42 -0.38
C ASP A 163 -5.71 -5.88 -0.58
N ASP A 164 -6.95 -6.08 -0.18
CA ASP A 164 -7.55 -7.38 0.00
C ASP A 164 -8.26 -7.83 -1.27
N ALA A 165 -8.17 -9.12 -1.62
CA ALA A 165 -8.96 -9.64 -2.72
C ALA A 165 -9.30 -11.07 -2.43
N HIS A 166 -10.37 -11.53 -3.05
CA HIS A 166 -10.80 -12.89 -3.00
C HIS A 166 -11.00 -13.44 -4.40
N ILE A 167 -10.55 -14.66 -4.60
CA ILE A 167 -10.59 -15.30 -5.90
C ILE A 167 -11.24 -16.66 -5.79
N ILE A 168 -12.26 -16.88 -6.61
CA ILE A 168 -12.88 -18.20 -6.74
C ILE A 168 -12.50 -18.74 -8.13
N VAL A 169 -11.62 -19.74 -8.15
CA VAL A 169 -10.97 -20.16 -9.39
C VAL A 169 -11.11 -21.67 -9.63
N PRO A 170 -11.62 -22.11 -10.83
CA PRO A 170 -11.73 -23.55 -11.10
C PRO A 170 -10.36 -24.17 -11.14
N GLY A 171 -10.31 -25.48 -10.92
CA GLY A 171 -9.08 -26.26 -11.03
C GLY A 171 -8.22 -26.02 -12.26
N GLY A 172 -8.84 -25.84 -13.42
CA GLY A 172 -8.09 -25.61 -14.68
C GLY A 172 -7.24 -24.34 -14.79
N ARG A 173 -7.52 -23.37 -13.91
CA ARG A 173 -6.94 -22.05 -14.03
C ARG A 173 -6.14 -21.66 -12.74
N VAL A 174 -6.12 -22.54 -11.73
CA VAL A 174 -5.67 -22.14 -10.39
C VAL A 174 -4.16 -21.82 -10.36
N ILE A 175 -3.35 -22.62 -11.06
CA ILE A 175 -1.90 -22.38 -11.13
C ILE A 175 -1.61 -20.98 -11.73
N ASP A 176 -2.31 -20.64 -12.80
CA ASP A 176 -2.15 -19.35 -13.47
C ASP A 176 -2.54 -18.16 -12.56
N VAL A 177 -3.63 -18.35 -11.80
CA VAL A 177 -4.09 -17.35 -10.87
C VAL A 177 -3.06 -17.08 -9.79
N VAL A 178 -2.49 -18.16 -9.22
CA VAL A 178 -1.43 -18.04 -8.21
C VAL A 178 -0.23 -17.31 -8.76
N TYR A 179 0.19 -17.70 -9.96
CA TYR A 179 1.32 -17.10 -10.61
C TYR A 179 1.05 -15.61 -10.89
N ASP A 180 -0.11 -15.29 -11.43
CA ASP A 180 -0.50 -13.94 -11.74
C ASP A 180 -0.49 -13.01 -10.54
N VAL A 181 -0.86 -13.55 -9.36
CA VAL A 181 -0.85 -12.75 -8.12
C VAL A 181 0.58 -12.44 -7.76
N PHE A 182 1.48 -13.41 -7.94
CA PHE A 182 2.88 -13.08 -7.79
C PHE A 182 3.27 -11.95 -8.74
N GLU A 183 2.82 -12.02 -10.00
CA GLU A 183 3.21 -11.01 -11.01
C GLU A 183 2.62 -9.63 -10.65
N GLU A 184 1.43 -9.63 -10.08
CA GLU A 184 0.83 -8.40 -9.57
C GLU A 184 1.66 -7.77 -8.44
N MET A 185 2.09 -8.59 -7.49
CA MET A 185 2.88 -8.12 -6.35
C MET A 185 4.18 -7.46 -6.83
N LYS A 186 4.86 -8.11 -7.78
CA LYS A 186 6.08 -7.58 -8.36
C LYS A 186 5.92 -6.22 -9.08
N LEU A 187 4.88 -6.12 -9.93
CA LEU A 187 4.51 -4.85 -10.58
C LEU A 187 4.25 -3.68 -9.59
N VAL A 188 3.46 -3.93 -8.54
CA VAL A 188 3.26 -2.96 -7.48
C VAL A 188 4.56 -2.57 -6.69
N LEU A 189 5.33 -3.55 -6.21
CA LEU A 189 6.62 -3.24 -5.60
C LEU A 189 7.53 -2.39 -6.48
N GLU A 190 7.70 -2.80 -7.73
CA GLU A 190 8.67 -2.19 -8.62
C GLU A 190 8.23 -0.83 -9.14
N ARG A 191 6.95 -0.72 -9.45
CA ARG A 191 6.47 0.46 -10.17
C ARG A 191 5.91 1.52 -9.29
N LEU A 192 5.27 1.12 -8.18
CA LEU A 192 4.70 2.08 -7.25
C LEU A 192 5.73 2.43 -6.21
N PHE A 193 6.42 1.42 -5.72
CA PHE A 193 7.37 1.64 -4.64
C PHE A 193 8.84 1.71 -5.07
N LYS A 194 9.16 1.40 -6.33
CA LYS A 194 10.57 1.35 -6.78
C LYS A 194 11.46 0.40 -5.99
N LEU A 195 10.91 -0.76 -5.61
CA LEU A 195 11.66 -1.78 -4.89
C LEU A 195 11.95 -2.93 -5.84
N GLY A 196 13.20 -3.18 -6.15
CA GLY A 196 13.57 -4.30 -7.01
C GLY A 196 13.20 -5.67 -6.50
N VAL A 197 12.60 -6.46 -7.38
CA VAL A 197 12.20 -7.80 -7.02
C VAL A 197 13.04 -8.73 -7.89
N SER A 198 14.03 -9.38 -7.31
CA SER A 198 14.91 -10.28 -8.11
C SER A 198 15.39 -11.43 -7.24
N SER A 199 16.19 -12.31 -7.84
CA SER A 199 16.84 -13.43 -7.14
C SER A 199 17.62 -13.03 -5.88
N GLU A 200 18.09 -11.78 -5.83
CA GLU A 200 18.89 -11.30 -4.71
C GLU A 200 18.12 -10.59 -3.61
N THR A 201 16.86 -10.27 -3.87
CA THR A 201 16.09 -9.43 -2.95
C THR A 201 14.78 -10.09 -2.51
N PHE A 202 14.52 -11.31 -2.95
CA PHE A 202 13.14 -11.79 -2.78
C PHE A 202 13.13 -13.29 -2.51
N LYS A 203 12.18 -13.70 -1.68
CA LYS A 203 11.99 -15.08 -1.30
C LYS A 203 10.47 -15.41 -1.31
N VAL A 204 10.12 -16.60 -1.77
CA VAL A 204 8.76 -17.07 -1.71
C VAL A 204 8.72 -18.26 -0.74
N ARG A 205 7.88 -18.18 0.29
CA ARG A 205 7.78 -19.24 1.28
C ARG A 205 6.42 -19.92 1.23
N LEU A 206 6.41 -21.25 1.06
CA LEU A 206 5.16 -21.99 1.08
C LEU A 206 4.95 -22.65 2.41
N SER A 207 3.73 -22.57 2.95
CA SER A 207 3.40 -23.28 4.18
C SER A 207 2.31 -24.34 3.95
N MET A 208 2.66 -25.60 4.18
CA MET A 208 1.87 -26.74 3.73
C MET A 208 1.32 -27.54 4.90
N SER A 209 0.43 -28.51 4.63
CA SER A 209 -0.03 -29.46 5.64
C SER A 209 1.08 -30.39 6.08
N ASP A 210 0.82 -31.03 7.21
CA ASP A 210 1.41 -32.31 7.55
C ASP A 210 0.35 -33.30 7.07
N LYS A 211 0.67 -34.13 6.09
CA LYS A 211 -0.28 -35.07 5.53
C LYS A 211 -0.92 -36.04 6.57
N SER A 212 -0.16 -36.38 7.62
CA SER A 212 -0.66 -37.29 8.67
C SER A 212 -1.77 -36.66 9.51
N LEU A 213 -1.99 -35.35 9.35
CA LEU A 213 -2.89 -34.61 10.21
C LEU A 213 -4.12 -34.07 9.45
N ILE A 214 -4.27 -34.48 8.21
CA ILE A 214 -5.43 -34.06 7.43
C ILE A 214 -6.68 -34.72 8.01
N GLY A 215 -7.74 -33.95 8.16
CA GLY A 215 -8.95 -34.43 8.78
C GLY A 215 -9.00 -34.04 10.24
N LYS A 216 -7.84 -33.70 10.81
CA LYS A 216 -7.75 -33.28 12.22
C LYS A 216 -7.17 -31.83 12.37
N GLU A 217 -5.86 -31.64 12.55
CA GLU A 217 -5.47 -30.23 12.68
C GLU A 217 -5.53 -29.44 11.37
N PHE A 218 -5.53 -30.15 10.24
CA PHE A 218 -5.81 -29.60 8.91
C PHE A 218 -7.14 -30.10 8.38
N MET A 219 -8.13 -29.20 8.32
CA MET A 219 -9.46 -29.58 7.89
C MET A 219 -9.55 -29.84 6.37
N GLY A 220 -10.57 -30.56 5.95
CA GLY A 220 -10.77 -30.80 4.53
C GLY A 220 -10.27 -32.17 4.11
N SER A 221 -10.31 -32.39 2.80
CA SER A 221 -10.02 -33.68 2.26
C SER A 221 -8.58 -33.65 1.76
N LYS A 222 -7.96 -34.84 1.70
CA LYS A 222 -6.69 -35.05 0.99
C LYS A 222 -6.69 -34.35 -0.38
N GLU A 223 -7.73 -34.57 -1.17
CA GLU A 223 -7.81 -34.06 -2.54
C GLU A 223 -7.65 -32.53 -2.64
N GLU A 224 -8.39 -31.83 -1.78
CA GLU A 224 -8.31 -30.37 -1.62
C GLU A 224 -6.89 -29.89 -1.33
N TRP A 225 -6.27 -30.50 -0.29
CA TRP A 225 -4.94 -30.15 0.14
C TRP A 225 -3.90 -30.42 -0.96
N GLU A 226 -4.02 -31.57 -1.61
CA GLU A 226 -3.13 -31.96 -2.71
C GLU A 226 -3.27 -31.07 -3.93
N GLY A 227 -4.47 -30.77 -4.35
CA GLY A 227 -4.67 -29.87 -5.49
C GLY A 227 -4.15 -28.46 -5.19
N ALA A 228 -4.40 -27.95 -3.98
CA ALA A 228 -3.91 -26.63 -3.52
C ALA A 228 -2.41 -26.58 -3.35
N GLU A 229 -1.81 -27.51 -2.62
CA GLU A 229 -0.33 -27.54 -2.44
C GLU A 229 0.43 -27.71 -3.75
N GLU A 230 -0.16 -28.52 -4.61
CA GLU A 230 0.39 -28.69 -5.92
C GLU A 230 0.16 -27.46 -6.82
N ALA A 231 -0.94 -26.73 -6.66
CA ALA A 231 -1.03 -25.42 -7.40
C ALA A 231 0.11 -24.44 -7.01
N LEU A 232 0.43 -24.38 -5.71
CA LEU A 232 1.48 -23.52 -5.18
C LEU A 232 2.87 -23.93 -5.57
N ARG A 233 3.08 -25.24 -5.72
CA ARG A 233 4.38 -25.75 -6.13
C ARG A 233 4.68 -25.46 -7.58
N GLU A 234 3.72 -25.70 -8.46
CA GLU A 234 3.88 -25.37 -9.88
C GLU A 234 4.07 -23.89 -10.12
N ALA A 235 3.23 -23.08 -9.47
CA ALA A 235 3.33 -21.62 -9.59
C ALA A 235 4.70 -21.12 -9.13
N ALA A 236 5.13 -21.59 -7.95
CA ALA A 236 6.43 -21.26 -7.37
C ALA A 236 7.56 -21.77 -8.27
N SER A 237 7.33 -22.89 -8.93
CA SER A 237 8.35 -23.43 -9.84
C SER A 237 8.47 -22.53 -11.06
N ARG A 238 7.34 -22.00 -11.55
CA ARG A 238 7.40 -20.98 -12.62
C ARG A 238 8.05 -19.68 -12.17
N ILE A 239 7.81 -19.28 -10.93
CA ILE A 239 8.43 -18.07 -10.42
C ILE A 239 9.95 -18.27 -10.38
N ASN A 240 10.39 -19.42 -9.85
CA ASN A 240 11.82 -19.70 -9.73
C ASN A 240 12.47 -19.84 -11.11
N GLU A 241 11.78 -20.51 -12.03
CA GLU A 241 12.31 -20.67 -13.37
C GLU A 241 12.49 -19.31 -13.98
N LYS A 242 11.52 -18.41 -13.80
CA LYS A 242 11.55 -17.11 -14.51
C LYS A 242 12.51 -16.08 -13.91
N TYR A 243 12.58 -16.06 -12.57
CA TYR A 243 13.36 -15.03 -11.88
C TYR A 243 14.50 -15.54 -11.00
N GLY A 244 14.59 -16.86 -10.87
CA GLY A 244 15.68 -17.49 -10.10
C GLY A 244 15.44 -17.19 -8.63
N ILE A 245 14.20 -16.81 -8.30
CA ILE A 245 13.78 -16.42 -6.96
C ILE A 245 13.65 -17.70 -6.14
N ASP A 246 14.22 -17.69 -4.96
CA ASP A 246 14.21 -18.97 -4.36
C ASP A 246 12.94 -19.32 -3.51
N ILE A 247 12.61 -20.61 -3.45
CA ILE A 247 11.36 -21.10 -2.93
C ILE A 247 11.67 -21.91 -1.71
N VAL A 248 10.95 -21.67 -0.62
CA VAL A 248 11.18 -22.35 0.64
C VAL A 248 9.83 -23.02 0.95
N GLU A 249 9.85 -24.31 1.34
CA GLU A 249 8.64 -25.05 1.67
C GLU A 249 8.67 -25.57 3.11
N LEU A 250 7.62 -25.27 3.90
CA LEU A 250 7.57 -25.69 5.28
C LEU A 250 6.39 -26.63 5.55
N GLU A 251 6.74 -27.88 5.82
CA GLU A 251 5.75 -28.88 6.12
C GLU A 251 5.11 -28.57 7.46
N GLY A 252 3.77 -28.70 7.51
CA GLY A 252 3.05 -28.55 8.75
C GLY A 252 2.80 -27.13 9.20
N GLU A 253 3.13 -26.13 8.36
CA GLU A 253 2.97 -24.73 8.77
C GLU A 253 1.73 -24.05 8.24
N ALA A 254 0.97 -24.73 7.39
CA ALA A 254 -0.25 -24.12 6.83
C ALA A 254 -1.25 -23.74 7.92
N ALA A 255 -2.17 -22.83 7.62
CA ALA A 255 -3.38 -22.66 8.45
C ALA A 255 -4.18 -23.97 8.49
N PHE A 256 -4.99 -24.16 9.52
CA PHE A 256 -5.93 -25.27 9.58
C PHE A 256 -6.86 -25.37 8.38
N TYR A 257 -7.14 -24.24 7.71
CA TYR A 257 -8.09 -24.21 6.58
C TYR A 257 -7.46 -24.13 5.20
N GLY A 258 -6.12 -24.20 5.09
CA GLY A 258 -5.56 -24.34 3.77
C GLY A 258 -4.13 -23.87 3.74
N PRO A 259 -3.37 -24.29 2.71
CA PRO A 259 -1.95 -23.93 2.55
C PRO A 259 -1.82 -22.49 2.02
N LYS A 260 -0.59 -21.97 2.02
CA LYS A 260 -0.35 -20.57 1.61
C LYS A 260 1.04 -20.33 1.07
N LEU A 261 1.20 -19.16 0.46
CA LEU A 261 2.46 -18.65 -0.01
C LEU A 261 2.62 -17.22 0.53
N ASP A 262 3.79 -16.91 1.07
CA ASP A 262 4.08 -15.56 1.59
C ASP A 262 5.13 -14.91 0.74
N PHE A 263 4.93 -13.62 0.49
CA PHE A 263 5.88 -12.79 -0.25
C PHE A 263 6.86 -12.14 0.71
N ILE A 264 8.15 -12.35 0.49
CA ILE A 264 9.14 -11.92 1.43
C ILE A 264 10.27 -11.19 0.72
N MET A 265 10.40 -9.89 0.97
CA MET A 265 11.56 -9.16 0.50
C MET A 265 12.73 -9.35 1.47
N MET A 266 13.90 -9.63 0.94
CA MET A 266 15.16 -9.66 1.68
C MET A 266 15.86 -8.32 1.65
N VAL A 267 16.10 -7.76 2.85
CA VAL A 267 16.79 -6.49 2.96
C VAL A 267 18.07 -6.62 3.79
N GLU A 268 18.95 -5.65 3.64
CA GLU A 268 20.21 -5.59 4.40
C GLU A 268 20.34 -4.25 5.17
N GLU A 269 20.75 -4.30 6.44
CA GLU A 269 21.12 -3.10 7.20
C GLU A 269 22.35 -2.33 6.57
N SER A 270 23.60 -2.46 7.04
CA SER A 270 24.06 -2.31 8.43
C SER A 270 24.79 -3.48 9.13
N GLY A 271 25.36 -4.47 8.41
CA GLY A 271 24.92 -4.99 7.14
C GLY A 271 24.38 -6.37 7.53
N VAL A 272 23.15 -6.37 8.04
CA VAL A 272 22.44 -7.57 8.51
C VAL A 272 21.34 -7.95 7.48
N SER A 273 21.27 -9.23 7.08
CA SER A 273 20.19 -9.67 6.22
C SER A 273 18.88 -9.98 7.03
N LYS A 274 17.76 -9.37 6.60
CA LYS A 274 16.48 -9.33 7.36
C LYS A 274 15.30 -9.64 6.39
N GLU A 275 14.28 -10.35 6.87
CA GLU A 275 13.08 -10.53 6.03
C GLU A 275 12.12 -9.40 6.26
N TRP A 276 11.47 -8.97 5.18
CA TRP A 276 10.37 -8.01 5.24
C TRP A 276 9.16 -8.75 4.64
N GLN A 277 8.28 -9.28 5.48
CA GLN A 277 7.12 -10.01 5.00
C GLN A 277 6.05 -9.05 4.50
N MET A 278 5.50 -9.39 3.34
CA MET A 278 4.49 -8.56 2.67
C MET A 278 3.14 -9.30 2.61
N GLY A 279 2.56 -9.45 1.43
CA GLY A 279 1.24 -10.08 1.30
C GLY A 279 1.34 -11.61 1.34
N THR A 280 0.22 -12.28 1.09
CA THR A 280 0.08 -13.73 1.18
C THR A 280 -0.92 -14.18 0.11
N ILE A 281 -0.79 -15.43 -0.33
CA ILE A 281 -1.83 -16.12 -1.07
C ILE A 281 -2.27 -17.27 -0.19
N GLN A 282 -3.53 -17.22 0.25
CA GLN A 282 -4.10 -18.16 1.21
C GLN A 282 -5.39 -18.87 0.71
N PHE A 283 -5.27 -20.15 0.43
CA PHE A 283 -6.38 -21.09 0.28
C PHE A 283 -7.21 -21.35 1.52
N ASP A 284 -8.45 -21.71 1.27
CA ASP A 284 -9.45 -21.79 2.29
C ASP A 284 -10.41 -22.90 1.89
N PHE A 285 -10.46 -23.92 2.77
CA PHE A 285 -11.32 -25.12 2.64
C PHE A 285 -12.52 -25.00 3.59
N ASN A 286 -12.43 -24.03 4.47
CA ASN A 286 -13.47 -23.71 5.40
C ASN A 286 -14.63 -22.93 4.75
N LEU A 287 -14.32 -21.78 4.13
CA LEU A 287 -15.33 -20.85 3.56
C LEU A 287 -16.22 -21.48 2.51
N PRO A 288 -15.67 -22.26 1.57
CA PRO A 288 -16.56 -22.93 0.60
C PRO A 288 -17.52 -23.96 1.19
N ARG A 289 -17.17 -24.50 2.36
CA ARG A 289 -18.08 -25.34 3.16
C ARG A 289 -19.11 -24.45 3.90
N ARG A 290 -18.64 -23.45 4.64
CA ARG A 290 -19.53 -22.63 5.46
C ARG A 290 -20.57 -21.81 4.65
N PHE A 291 -20.16 -21.32 3.49
CA PHE A 291 -21.06 -20.57 2.59
C PHE A 291 -21.58 -21.40 1.42
N ARG A 292 -21.33 -22.72 1.45
CA ARG A 292 -21.88 -23.65 0.50
C ARG A 292 -21.49 -23.31 -0.93
N LEU A 293 -20.21 -22.93 -1.10
CA LEU A 293 -19.68 -22.53 -2.40
C LEU A 293 -19.42 -23.69 -3.33
N TYR A 294 -19.01 -24.82 -2.75
CA TYR A 294 -18.76 -26.06 -3.48
C TYR A 294 -20.10 -26.54 -4.14
N ASP A 295 -21.19 -26.51 -3.36
CA ASP A 295 -22.54 -26.77 -3.84
C ASP A 295 -22.96 -25.81 -4.94
N VAL A 296 -22.88 -24.51 -4.65
CA VAL A 296 -23.25 -23.47 -5.58
C VAL A 296 -22.48 -23.54 -6.91
N VAL A 297 -21.18 -23.74 -6.85
CA VAL A 297 -20.36 -23.87 -8.08
C VAL A 297 -20.64 -25.15 -8.86
N ARG A 298 -20.95 -26.22 -8.13
CA ARG A 298 -21.22 -27.51 -8.75
C ARG A 298 -22.54 -27.42 -9.49
N GLU A 299 -23.58 -26.99 -8.78
CA GLU A 299 -24.92 -26.83 -9.35
C GLU A 299 -25.02 -25.83 -10.49
N GLU A 300 -24.52 -24.61 -10.30
CA GLU A 300 -24.63 -23.54 -11.30
C GLU A 300 -23.58 -23.58 -12.40
N PHE A 301 -22.36 -24.01 -12.10
CA PHE A 301 -21.31 -24.00 -13.13
C PHE A 301 -20.90 -25.40 -13.60
N GLY A 302 -21.36 -26.43 -12.91
CA GLY A 302 -20.91 -27.81 -13.22
C GLY A 302 -19.40 -28.04 -13.05
N ILE A 303 -18.81 -27.31 -12.09
CA ILE A 303 -17.41 -27.46 -11.72
C ILE A 303 -17.30 -28.15 -10.35
N GLU A 304 -16.53 -29.24 -10.30
CA GLU A 304 -16.32 -30.04 -9.08
C GLU A 304 -15.01 -29.62 -8.39
N GLU A 305 -13.99 -29.28 -9.19
CA GLU A 305 -12.72 -28.77 -8.68
C GLU A 305 -12.62 -27.25 -8.71
N VAL A 306 -12.71 -26.62 -7.54
CA VAL A 306 -12.65 -25.17 -7.46
C VAL A 306 -11.92 -24.77 -6.16
N TYR A 307 -11.25 -23.61 -6.18
CA TYR A 307 -10.52 -23.12 -5.00
C TYR A 307 -10.95 -21.72 -4.62
N ILE A 308 -10.90 -21.45 -3.32
CA ILE A 308 -11.19 -20.15 -2.74
C ILE A 308 -9.86 -19.57 -2.18
N ILE A 309 -9.54 -18.36 -2.60
CA ILE A 309 -8.28 -17.77 -2.23
C ILE A 309 -8.51 -16.37 -1.62
N HIS A 310 -7.85 -16.14 -0.49
CA HIS A 310 -7.62 -14.82 0.07
C HIS A 310 -6.24 -14.39 -0.42
N ARG A 311 -6.06 -13.14 -0.85
CA ARG A 311 -4.71 -12.68 -1.23
C ARG A 311 -4.53 -11.19 -0.98
N ALA A 312 -3.35 -10.77 -0.52
CA ALA A 312 -2.99 -9.36 -0.55
C ALA A 312 -1.61 -9.29 -1.15
N LEU A 313 -1.21 -8.17 -1.73
CA LEU A 313 0.15 -7.96 -2.23
C LEU A 313 1.01 -7.30 -1.19
N LEU A 314 0.53 -6.21 -0.58
CA LEU A 314 1.23 -5.46 0.45
C LEU A 314 0.88 -6.04 1.81
N GLY A 315 -0.41 -6.34 2.04
CA GLY A 315 -0.86 -6.85 3.35
C GLY A 315 -1.56 -5.73 4.10
N SER A 316 -1.14 -5.44 5.33
CA SER A 316 -1.53 -4.20 5.97
C SER A 316 -0.77 -3.07 5.28
N ILE A 317 -1.51 -2.08 4.79
CA ILE A 317 -0.96 -0.89 4.13
C ILE A 317 -0.21 -0.01 5.12
N GLU A 318 -0.80 0.23 6.29
CA GLU A 318 -0.08 0.93 7.38
C GLU A 318 1.24 0.22 7.70
N ARG A 319 1.19 -1.10 7.88
CA ARG A 319 2.40 -1.86 8.25
C ARG A 319 3.43 -1.73 7.14
N PHE A 320 3.02 -2.07 5.91
CA PHE A 320 3.85 -1.89 4.70
C PHE A 320 4.49 -0.52 4.67
N LEU A 321 3.68 0.52 4.86
CA LEU A 321 4.14 1.91 4.85
C LEU A 321 5.16 2.16 5.98
N GLY A 322 4.92 1.61 7.16
CA GLY A 322 5.84 1.72 8.28
C GLY A 322 7.24 1.19 7.94
N VAL A 323 7.27 -0.02 7.42
CA VAL A 323 8.51 -0.69 7.11
C VAL A 323 9.17 0.00 5.95
N TYR A 324 8.37 0.40 4.93
CA TYR A 324 8.88 1.22 3.83
C TYR A 324 9.60 2.49 4.34
N LEU A 325 8.98 3.23 5.24
CA LEU A 325 9.58 4.47 5.71
C LEU A 325 10.95 4.20 6.37
N GLU A 326 11.10 3.07 7.06
CA GLU A 326 12.39 2.69 7.61
C GLU A 326 13.40 2.26 6.56
N HIS A 327 13.04 1.33 5.69
CA HIS A 327 13.94 0.87 4.64
C HIS A 327 14.43 2.03 3.75
N ARG A 328 13.57 3.03 3.51
CA ARG A 328 13.92 4.17 2.64
C ARG A 328 14.13 5.49 3.35
N ARG A 329 14.26 5.44 4.68
CA ARG A 329 14.61 6.63 5.45
C ARG A 329 13.73 7.86 5.06
N GLY A 330 12.40 7.64 5.02
CA GLY A 330 11.49 8.71 4.89
C GLY A 330 11.30 9.15 3.44
N ARG A 331 11.89 8.41 2.49
CA ARG A 331 11.93 8.83 1.06
C ARG A 331 10.86 8.15 0.22
N MET A 332 9.80 8.90 -0.07
CA MET A 332 8.63 8.38 -0.78
C MET A 332 8.83 8.50 -2.29
N PRO A 333 8.24 7.54 -3.05
CA PRO A 333 8.20 7.71 -4.52
C PRO A 333 7.38 8.95 -4.88
N PHE A 334 7.70 9.60 -6.01
CA PHE A 334 7.11 10.86 -6.39
C PHE A 334 5.59 10.91 -6.22
N THR A 335 4.88 9.86 -6.67
CA THR A 335 3.43 9.88 -6.69
C THR A 335 2.80 9.94 -5.26
N LEU A 336 3.56 9.44 -4.30
CA LEU A 336 3.15 9.28 -2.90
C LEU A 336 3.84 10.24 -1.90
N ALA A 337 4.60 11.21 -2.39
CA ALA A 337 5.36 12.11 -1.54
C ALA A 337 4.41 13.19 -1.05
N PRO A 338 4.37 13.43 0.29
CA PRO A 338 3.56 14.55 0.79
C PRO A 338 3.86 15.86 0.02
N ILE A 339 5.15 16.25 -0.09
CA ILE A 339 5.54 17.40 -0.91
C ILE A 339 6.21 16.89 -2.20
N GLN A 340 5.59 17.17 -3.35
CA GLN A 340 6.14 16.73 -4.62
C GLN A 340 7.22 17.66 -5.18
N PHE A 341 6.98 18.97 -5.17
CA PHE A 341 7.97 19.96 -5.61
C PHE A 341 8.17 20.90 -4.48
N ALA A 342 9.41 21.03 -3.99
CA ALA A 342 9.71 22.15 -3.09
C ALA A 342 10.38 23.23 -3.95
N VAL A 343 9.82 24.43 -3.94
CA VAL A 343 10.32 25.56 -4.73
C VAL A 343 10.99 26.52 -3.76
N ILE A 344 12.31 26.65 -3.90
CA ILE A 344 13.18 27.34 -2.93
C ILE A 344 13.78 28.61 -3.55
N ALA A 345 13.33 29.77 -3.04
CA ALA A 345 13.70 31.05 -3.61
C ALA A 345 14.97 31.52 -2.87
N VAL A 346 16.11 31.56 -3.55
CA VAL A 346 17.35 31.94 -2.85
C VAL A 346 17.59 33.45 -2.98
N LYS A 347 17.08 34.21 -2.03
CA LYS A 347 17.10 35.67 -2.12
C LYS A 347 18.50 36.22 -1.81
N THR A 348 18.79 37.39 -2.37
CA THR A 348 20.14 37.96 -2.38
C THR A 348 20.20 39.27 -1.60
N GLY A 349 19.06 39.95 -1.44
CA GLY A 349 19.04 41.29 -0.88
C GLY A 349 18.98 42.38 -1.95
N GLY A 350 19.37 42.03 -3.18
CA GLY A 350 19.40 42.98 -4.27
C GLY A 350 18.16 42.92 -5.10
N GLU A 351 18.12 43.72 -6.16
CA GLU A 351 16.95 43.91 -7.01
C GLU A 351 16.53 42.71 -7.83
N VAL A 352 17.44 41.76 -7.99
CA VAL A 352 17.13 40.53 -8.71
C VAL A 352 16.08 39.72 -7.90
N ASP A 353 15.92 40.01 -6.61
CA ASP A 353 14.98 39.29 -5.73
C ASP A 353 13.54 39.36 -6.20
N ARG A 354 13.26 40.36 -7.02
CA ARG A 354 11.93 40.60 -7.52
C ARG A 354 11.61 39.58 -8.63
N GLU A 355 12.58 39.38 -9.52
CA GLU A 355 12.43 38.39 -10.57
C GLU A 355 12.47 36.96 -9.99
N ILE A 356 13.31 36.74 -8.98
CA ILE A 356 13.36 35.47 -8.26
C ILE A 356 12.00 35.15 -7.60
N GLU A 357 11.43 36.17 -6.94
CA GLU A 357 10.17 36.02 -6.22
C GLU A 357 9.04 35.76 -7.20
N ASP A 358 8.99 36.52 -8.29
CA ASP A 358 7.97 36.32 -9.30
C ASP A 358 8.12 34.97 -10.05
N LEU A 359 9.35 34.55 -10.35
CA LEU A 359 9.57 33.22 -10.93
C LEU A 359 9.10 32.06 -10.02
N ALA A 360 9.58 32.06 -8.78
CA ALA A 360 9.21 31.05 -7.77
C ALA A 360 7.71 30.93 -7.57
N SER A 361 7.11 32.07 -7.26
CA SER A 361 5.68 32.22 -7.10
C SER A 361 4.87 31.74 -8.33
N SER A 362 5.26 32.17 -9.54
CA SER A 362 4.57 31.69 -10.74
C SER A 362 4.74 30.18 -10.99
N ILE A 363 5.97 29.68 -10.86
CA ILE A 363 6.19 28.22 -10.96
C ILE A 363 5.32 27.50 -9.93
N ALA A 364 5.32 27.93 -8.67
CA ALA A 364 4.51 27.31 -7.63
C ALA A 364 3.05 27.25 -8.02
N LYS A 365 2.50 28.41 -8.40
CA LYS A 365 1.09 28.45 -8.85
C LYS A 365 0.83 27.54 -10.02
N GLY A 366 1.74 27.56 -11.00
CA GLY A 366 1.55 26.77 -12.20
C GLY A 366 1.56 25.26 -11.90
N LEU A 367 2.50 24.84 -11.06
CA LEU A 367 2.54 23.39 -10.58
C LEU A 367 1.29 22.98 -9.80
N LEU A 368 0.79 23.87 -8.93
CA LEU A 368 -0.48 23.65 -8.24
C LEU A 368 -1.61 23.48 -9.23
N ASP A 369 -1.68 24.32 -10.25
CA ASP A 369 -2.73 24.19 -11.28
C ASP A 369 -2.64 22.89 -12.09
N LYS A 370 -1.43 22.33 -12.26
CA LYS A 370 -1.32 20.98 -12.86
C LYS A 370 -1.72 19.82 -11.92
N GLY A 371 -1.99 20.16 -10.65
CA GLY A 371 -2.48 19.17 -9.70
C GLY A 371 -1.41 18.60 -8.77
N PHE A 372 -0.25 19.27 -8.69
CA PHE A 372 0.89 18.79 -7.91
C PHE A 372 0.83 19.28 -6.47
N ARG A 373 1.58 18.59 -5.60
CA ARG A 373 1.74 19.05 -4.20
C ARG A 373 3.04 19.88 -4.07
N VAL A 374 2.87 21.16 -3.71
CA VAL A 374 3.92 22.18 -3.82
C VAL A 374 4.16 22.84 -2.42
N ALA A 375 5.42 23.07 -2.08
CA ALA A 375 5.77 23.91 -0.94
C ALA A 375 6.82 24.94 -1.40
N VAL A 376 6.57 26.23 -1.16
CA VAL A 376 7.54 27.29 -1.45
C VAL A 376 8.27 27.62 -0.18
N LYS A 377 9.60 27.74 -0.28
CA LYS A 377 10.40 28.16 0.86
C LYS A 377 11.17 29.46 0.46
N GLY A 378 11.02 30.52 1.25
CA GLY A 378 11.79 31.74 1.11
C GLY A 378 13.14 31.55 1.79
N SER A 379 14.23 31.58 1.04
CA SER A 379 15.54 31.33 1.64
C SER A 379 16.47 32.48 1.25
N SER A 380 17.78 32.30 1.37
CA SER A 380 18.74 33.37 1.15
C SER A 380 20.08 32.71 0.86
N LYS A 381 21.04 33.47 0.29
CA LYS A 381 22.37 32.96 0.01
C LYS A 381 23.06 32.43 1.28
N THR A 382 22.99 33.19 2.37
CA THR A 382 23.61 32.73 3.64
C THR A 382 22.77 31.69 4.41
N GLY A 383 21.44 31.80 4.35
CA GLY A 383 20.53 30.83 4.98
C GLY A 383 20.43 29.47 4.26
N LEU A 384 20.78 29.41 2.97
CA LEU A 384 20.48 28.23 2.12
C LEU A 384 20.88 26.91 2.74
N SER A 385 22.12 26.82 3.18
CA SER A 385 22.69 25.56 3.61
C SER A 385 21.94 24.98 4.78
N SER A 386 21.57 25.80 5.75
CA SER A 386 20.78 25.35 6.90
CA SER A 386 20.80 25.32 6.90
C SER A 386 19.30 25.14 6.58
N ASP A 387 18.76 25.92 5.65
CA ASP A 387 17.37 25.74 5.20
C ASP A 387 17.21 24.37 4.51
N VAL A 388 18.15 24.04 3.63
CA VAL A 388 18.14 22.79 2.86
C VAL A 388 18.26 21.61 3.79
N ARG A 389 19.19 21.70 4.73
CA ARG A 389 19.40 20.67 5.74
C ARG A 389 18.12 20.39 6.54
N HIS A 390 17.41 21.43 6.99
CA HIS A 390 16.11 21.25 7.63
C HIS A 390 15.07 20.58 6.73
N ILE A 391 15.01 21.04 5.49
CA ILE A 391 14.11 20.47 4.50
C ILE A 391 14.44 18.97 4.31
N GLU A 392 15.72 18.63 4.13
CA GLU A 392 16.12 17.22 3.96
C GLU A 392 15.91 16.35 5.18
N SER A 393 15.99 16.92 6.37
CA SER A 393 15.96 16.06 7.54
C SER A 393 14.52 15.86 8.03
N THR A 394 13.59 16.60 7.43
CA THR A 394 12.21 16.70 7.88
C THR A 394 11.19 16.41 6.78
N ALA A 395 11.04 17.32 5.82
CA ALA A 395 10.01 17.26 4.83
C ALA A 395 10.33 16.35 3.62
N LYS A 396 11.63 16.21 3.30
CA LYS A 396 12.09 15.30 2.24
C LYS A 396 11.23 15.38 0.96
N PRO A 397 11.17 16.59 0.33
CA PRO A 397 10.31 16.76 -0.85
C PRO A 397 10.79 15.85 -1.96
N ALA A 398 9.91 15.36 -2.80
CA ALA A 398 10.34 14.50 -3.91
C ALA A 398 11.33 15.24 -4.82
N VAL A 399 11.04 16.49 -5.18
CA VAL A 399 11.90 17.27 -6.09
C VAL A 399 12.14 18.65 -5.47
N ASN A 400 13.41 19.10 -5.35
CA ASN A 400 13.75 20.49 -4.96
C ASN A 400 14.05 21.34 -6.18
N VAL A 401 13.40 22.51 -6.28
CA VAL A 401 13.64 23.45 -7.41
C VAL A 401 14.25 24.71 -6.80
N PHE A 402 15.51 24.96 -7.12
CA PHE A 402 16.23 26.09 -6.54
C PHE A 402 16.19 27.25 -7.47
N ILE A 403 15.63 28.37 -7.01
CA ILE A 403 15.58 29.55 -7.83
C ILE A 403 16.34 30.70 -7.21
N GLY A 404 17.57 30.91 -7.68
CA GLY A 404 18.38 32.06 -7.29
C GLY A 404 18.70 32.99 -8.47
N ALA A 405 19.55 33.96 -8.20
CA ALA A 405 20.01 34.97 -9.18
C ALA A 405 20.57 34.31 -10.44
N LYS A 406 21.39 33.27 -10.26
CA LYS A 406 22.02 32.53 -11.34
C LYS A 406 20.97 31.87 -12.24
N GLU A 407 19.97 31.24 -11.64
CA GLU A 407 18.88 30.59 -12.36
C GLU A 407 18.08 31.57 -13.19
N VAL A 408 17.74 32.68 -12.58
CA VAL A 408 17.10 33.75 -13.31
C VAL A 408 17.98 34.30 -14.51
N ARG A 409 19.26 34.59 -14.26
CA ARG A 409 20.09 35.21 -15.29
C ARG A 409 20.47 34.26 -16.40
N GLU A 410 20.66 32.99 -16.05
CA GLU A 410 21.08 31.98 -17.04
C GLU A 410 19.92 31.26 -17.66
N LYS A 411 18.74 31.40 -17.05
CA LYS A 411 17.51 30.78 -17.61
C LYS A 411 17.59 29.27 -17.58
N VAL A 412 18.14 28.75 -16.50
CA VAL A 412 18.29 27.32 -16.29
C VAL A 412 17.95 27.06 -14.83
N LEU A 413 16.95 26.20 -14.58
CA LEU A 413 16.60 25.88 -13.19
C LEU A 413 17.56 24.83 -12.64
N ASP A 414 17.82 24.87 -11.36
CA ASP A 414 18.60 23.84 -10.66
C ASP A 414 17.60 22.92 -9.93
N VAL A 415 17.43 21.72 -10.49
CA VAL A 415 16.34 20.83 -10.11
C VAL A 415 16.93 19.51 -9.64
N ARG A 416 16.58 19.13 -8.41
CA ARG A 416 17.19 18.00 -7.72
C ARG A 416 16.12 16.98 -7.33
N VAL A 417 16.09 15.92 -8.10
CA VAL A 417 15.22 14.78 -7.92
C VAL A 417 15.92 13.82 -6.94
N PHE A 418 15.20 13.17 -6.07
CA PHE A 418 15.84 12.28 -5.13
C PHE A 418 15.81 10.91 -5.74
N ASP A 419 16.96 10.29 -5.85
CA ASP A 419 17.12 8.99 -6.51
C ASP A 419 17.00 7.87 -5.49
N LEU A 420 15.93 7.10 -5.59
CA LEU A 420 15.62 6.12 -4.51
C LEU A 420 16.61 4.98 -4.44
N GLU A 421 17.14 4.53 -5.57
CA GLU A 421 18.19 3.46 -5.59
C GLU A 421 19.47 3.90 -4.91
N SER A 422 20.12 4.95 -5.44
CA SER A 422 21.35 5.47 -4.83
C SER A 422 21.10 6.21 -3.49
N MET A 423 19.83 6.58 -3.22
CA MET A 423 19.49 7.36 -2.00
C MET A 423 20.26 8.67 -1.96
N LYS A 424 20.33 9.36 -3.09
CA LYS A 424 20.96 10.66 -3.24
C LYS A 424 20.09 11.53 -4.11
N ARG A 425 20.15 12.84 -3.87
CA ARG A 425 19.72 13.86 -4.82
C ARG A 425 20.49 13.82 -6.14
N ARG A 426 19.79 14.04 -7.23
CA ARG A 426 20.45 14.08 -8.50
C ARG A 426 20.05 15.36 -9.21
N ARG A 427 21.06 16.16 -9.58
CA ARG A 427 20.89 17.46 -10.20
C ARG A 427 20.56 17.39 -11.65
N LEU A 428 19.53 18.15 -12.05
CA LEU A 428 19.19 18.31 -13.47
C LEU A 428 19.25 19.77 -13.78
N ALA A 429 19.54 20.09 -15.02
CA ALA A 429 19.59 21.48 -15.49
C ALA A 429 18.41 21.65 -16.44
N ILE A 430 17.39 22.38 -15.99
CA ILE A 430 16.16 22.55 -16.74
C ILE A 430 16.07 23.96 -17.34
N ALA A 431 16.29 24.07 -18.65
CA ALA A 431 16.25 25.38 -19.34
C ALA A 431 14.80 25.84 -19.42
N TYR A 432 14.59 27.14 -19.41
CA TYR A 432 13.24 27.69 -19.60
C TYR A 432 13.36 29.03 -20.30
N GLY A 433 12.25 29.48 -20.90
CA GLY A 433 12.15 30.80 -21.53
C GLY A 433 11.39 31.74 -20.60
N ASP A 434 10.30 31.28 -20.02
CA ASP A 434 9.61 32.05 -18.98
C ASP A 434 8.92 31.10 -18.00
N ALA A 435 8.13 31.66 -17.07
CA ALA A 435 7.48 30.87 -16.01
C ALA A 435 6.68 29.68 -16.54
N ALA A 436 5.84 29.94 -17.52
CA ALA A 436 4.97 28.93 -18.12
C ALA A 436 5.73 27.79 -18.73
N ASP A 437 6.80 28.12 -19.44
CA ASP A 437 7.67 27.17 -20.05
C ASP A 437 8.42 26.34 -18.98
N ALA A 438 8.88 26.99 -17.93
CA ALA A 438 9.43 26.31 -16.77
C ALA A 438 8.43 25.32 -16.17
N VAL A 439 7.18 25.74 -15.98
CA VAL A 439 6.14 24.84 -15.42
C VAL A 439 5.96 23.62 -16.33
N GLU A 440 5.97 23.83 -17.63
CA GLU A 440 5.75 22.74 -18.56
C GLU A 440 6.86 21.73 -18.44
N ASN A 441 8.08 22.23 -18.40
CA ASN A 441 9.29 21.43 -18.30
C ASN A 441 9.41 20.68 -16.97
N LEU A 442 9.01 21.32 -15.87
CA LEU A 442 8.97 20.65 -14.57
C LEU A 442 7.89 19.58 -14.58
N ALA A 443 6.74 19.91 -15.20
CA ALA A 443 5.67 18.89 -15.32
C ALA A 443 6.12 17.69 -16.15
N ALA A 444 6.94 17.94 -17.19
CA ALA A 444 7.53 16.81 -17.96
C ALA A 444 8.44 15.89 -17.12
N VAL A 445 9.25 16.46 -16.25
CA VAL A 445 10.09 15.68 -15.34
C VAL A 445 9.19 14.83 -14.44
N ALA A 446 8.09 15.42 -13.94
CA ALA A 446 7.13 14.74 -13.09
C ALA A 446 6.42 13.59 -13.79
N GLU A 447 6.06 13.77 -15.05
CA GLU A 447 5.41 12.77 -15.83
C GLU A 447 6.31 11.56 -16.05
N GLU A 448 7.60 11.80 -16.25
CA GLU A 448 8.60 10.74 -16.30
C GLU A 448 8.65 10.00 -14.94
N LEU A 449 8.64 10.74 -13.84
CA LEU A 449 8.60 10.08 -12.52
C LEU A 449 7.26 9.34 -12.25
N GLU A 450 6.20 9.71 -12.98
CA GLU A 450 4.84 9.16 -12.78
C GLU A 450 4.61 7.97 -13.67
N SER A 451 5.49 7.82 -14.66
CA SER A 451 5.35 6.86 -15.72
C SER A 451 5.11 5.43 -15.24
N PRO A 452 5.93 4.95 -14.29
CA PRO A 452 5.68 3.60 -13.80
C PRO A 452 4.28 3.46 -13.15
N VAL A 453 3.79 4.49 -12.46
CA VAL A 453 2.47 4.42 -11.85
C VAL A 453 1.38 4.45 -12.92
N ARG A 454 1.55 5.24 -13.99
CA ARG A 454 0.63 5.14 -15.14
C ARG A 454 0.52 3.75 -15.76
N SER A 455 1.59 2.98 -15.78
CA SER A 455 1.51 1.63 -16.39
C SER A 455 0.73 0.65 -15.51
N LEU A 456 0.64 0.97 -14.23
CA LEU A 456 -0.15 0.18 -13.29
C LEU A 456 -1.62 0.57 -13.38
N SER A 457 -1.90 1.87 -13.34
CA SER A 457 -3.27 2.35 -13.14
C SER A 457 -3.91 3.20 -14.26
N GLY A 458 -3.16 3.43 -15.33
CA GLY A 458 -3.67 4.21 -16.43
C GLY A 458 -3.40 5.67 -16.11
N GLN A 459 -3.67 6.10 -14.89
CA GLN A 459 -3.64 7.52 -14.53
C GLN A 459 -2.74 7.60 -13.30
N ALA A 460 -1.80 8.53 -13.29
CA ALA A 460 -1.18 8.90 -12.01
C ALA A 460 -2.08 9.94 -11.31
N PRO A 461 -2.37 9.73 -10.01
CA PRO A 461 -3.12 10.69 -9.19
C PRO A 461 -2.46 12.01 -8.93
N ARG A 462 -3.18 13.08 -9.25
CA ARG A 462 -2.80 14.42 -8.92
C ARG A 462 -3.80 14.89 -7.88
N ILE A 463 -3.31 15.00 -6.65
CA ILE A 463 -4.09 15.52 -5.59
C ILE A 463 -3.27 16.70 -5.02
N PRO A 464 -3.58 17.94 -5.50
CA PRO A 464 -2.77 19.16 -5.20
C PRO A 464 -2.92 19.59 -3.78
N ALA A 465 -1.88 20.23 -3.31
CA ALA A 465 -1.91 20.88 -2.02
C ALA A 465 -0.78 21.89 -1.97
N ASP A 466 -1.03 23.00 -1.31
CA ASP A 466 0.00 23.94 -0.94
C ASP A 466 0.47 23.64 0.48
N PHE A 467 1.68 23.05 0.57
CA PHE A 467 2.24 22.72 1.88
C PHE A 467 3.40 23.65 2.32
N SER A 468 3.39 24.88 1.78
CA SER A 468 4.41 25.86 2.12
C SER A 468 4.60 25.99 3.61
N PHE A 469 3.52 25.91 4.40
CA PHE A 469 3.60 26.11 5.86
C PHE A 469 4.55 25.15 6.58
N MET A 470 4.82 24.00 5.91
CA MET A 470 5.67 22.94 6.43
C MET A 470 7.15 23.23 6.29
N LEU A 471 7.53 24.20 5.45
CA LEU A 471 8.95 24.35 5.14
C LEU A 471 9.69 25.42 6.01
S SO4 B . 17.46 11.70 8.04
O1 SO4 B . 17.96 12.53 6.94
O2 SO4 B . 17.23 10.27 7.82
O3 SO4 B . 18.52 11.78 9.01
O4 SO4 B . 16.20 12.29 8.52
S SO4 C . 14.92 -19.86 4.95
O1 SO4 C . 15.24 -19.24 3.65
O2 SO4 C . 14.57 -21.26 4.74
O3 SO4 C . 16.14 -19.79 5.75
O4 SO4 C . 13.80 -19.19 5.63
S SO4 D . 26.38 26.20 -10.33
O1 SO4 D . 27.15 27.32 -9.83
O2 SO4 D . 26.94 25.84 -11.65
O3 SO4 D . 26.48 25.10 -9.38
O4 SO4 D . 24.97 26.56 -10.35
S SO4 E . -5.30 -11.23 3.30
O1 SO4 E . -4.66 -12.46 2.81
O2 SO4 E . -6.47 -11.61 4.11
O3 SO4 E . -4.34 -10.49 4.14
O4 SO4 E . -5.68 -10.34 2.20
S SO4 F . 13.13 -1.15 -9.90
O1 SO4 F . 14.55 -1.50 -9.93
O2 SO4 F . 12.51 -1.78 -8.75
O3 SO4 F . 12.96 0.29 -9.78
O4 SO4 F . 12.46 -1.67 -11.10
ZN ZN G . -10.11 -12.96 3.15
#